data_7OV8
#
_entry.id   7OV8
#
_cell.length_a   62.382
_cell.length_b   69.772
_cell.length_c   75.309
_cell.angle_alpha   90.000
_cell.angle_beta   90.000
_cell.angle_gamma   90.000
#
_symmetry.space_group_name_H-M   'P 21 21 21'
#
loop_
_entity.id
_entity.type
_entity.pdbx_description
1 polymer 'Tartrate-resistant acid phosphatase type 5'
2 branched 2-acetamido-2-deoxy-beta-D-glucopyranose-(1-4)-2-acetamido-2-deoxy-beta-D-glucopyranose
3 non-polymer '4-(2-HYDROXYETHYL)-1-PIPERAZINE ETHANESULFONIC ACID'
4 non-polymer GLYCEROL
5 non-polymer 'FE (III) ION'
6 non-polymer 'PHOSPHATE ION'
7 non-polymer 1,2-ETHANEDIOL
8 non-polymer 'TRIETHYLENE GLYCOL'
9 non-polymer 'SODIUM ION'
10 water water
#
_entity_poly.entity_id   1
_entity_poly.type   'polypeptide(L)'
_entity_poly.pdbx_seq_one_letter_code
;MDTWTVLLILQASLVLPGAVGTRTNTRTTPTPILRFVAVGDWGGVPNAPFHTAREMANAKAIATTVKTLGADFILSLGDN
FYFTGVHDAKDKRFQETFEDVFSDPSLRNVPWHVLAGNHDHLGNVSAQIAYSKISKRWNFPSPYYRLRFKIPRSNVSVAI
FMLDTVTLCGNSDDFVSQQPERPRNLALARTQLAWIKKQLAAAKEDYVLVAGHYPVWSIAEHGPTHCLVKQLLPLLTTHK
VTAYLCGHDHNLQYLQDENGLGFVLSGAGNFMDPSKKHLRKVPNGYLRFHFGAENSLGGFAYVEITPKEMSVTYIEASGK
SLFKTKLPRRA
;
_entity_poly.pdbx_strand_id   A
#
# COMPACT_ATOMS: atom_id res chain seq x y z
N THR A 29 -11.45 -22.06 -21.61
CA THR A 29 -11.28 -20.66 -21.99
C THR A 29 -10.44 -19.92 -20.94
N PRO A 30 -9.86 -18.77 -21.30
CA PRO A 30 -8.92 -18.09 -20.38
C PRO A 30 -9.56 -17.71 -19.06
N THR A 31 -8.87 -17.99 -17.98
CA THR A 31 -9.40 -17.67 -16.65
C THR A 31 -9.51 -16.16 -16.50
N PRO A 32 -10.67 -15.65 -16.08
CA PRO A 32 -10.76 -14.20 -15.82
C PRO A 32 -9.87 -13.84 -14.65
N ILE A 33 -9.21 -12.69 -14.76
CA ILE A 33 -8.19 -12.30 -13.78
C ILE A 33 -8.13 -10.78 -13.72
N LEU A 34 -7.96 -10.25 -12.51
CA LEU A 34 -7.54 -8.87 -12.27
C LEU A 34 -6.18 -8.91 -11.60
N ARG A 35 -5.23 -8.15 -12.13
N ARG A 35 -5.22 -8.16 -12.15
CA ARG A 35 -3.84 -8.18 -11.68
CA ARG A 35 -3.84 -8.18 -11.67
C ARG A 35 -3.36 -6.78 -11.33
C ARG A 35 -3.36 -6.77 -11.33
N PHE A 36 -2.66 -6.65 -10.20
CA PHE A 36 -2.04 -5.37 -9.87
C PHE A 36 -0.80 -5.56 -9.02
N VAL A 37 0.06 -4.53 -9.06
CA VAL A 37 1.25 -4.44 -8.24
C VAL A 37 0.96 -3.48 -7.09
N ALA A 38 1.41 -3.85 -5.90
CA ALA A 38 1.26 -3.04 -4.69
C ALA A 38 2.66 -2.73 -4.18
N VAL A 39 3.13 -1.51 -4.43
CA VAL A 39 4.45 -1.06 -4.01
C VAL A 39 4.27 0.07 -2.99
N GLY A 40 5.14 0.11 -1.98
CA GLY A 40 5.03 1.13 -0.96
C GLY A 40 6.38 1.73 -0.63
N ASP A 41 6.33 2.96 -0.10
CA ASP A 41 7.51 3.65 0.39
C ASP A 41 8.59 3.72 -0.69
N TRP A 42 8.20 4.17 -1.87
CA TRP A 42 9.08 4.22 -3.02
C TRP A 42 9.60 5.62 -3.31
N GLY A 43 9.26 6.62 -2.49
CA GLY A 43 9.39 8.02 -2.86
C GLY A 43 10.76 8.69 -2.91
N GLY A 44 11.79 7.99 -3.38
CA GLY A 44 13.05 8.64 -3.70
C GLY A 44 13.71 9.38 -2.54
N VAL A 45 14.33 10.51 -2.86
CA VAL A 45 15.06 11.40 -1.94
C VAL A 45 14.92 12.84 -2.45
N PRO A 46 14.95 13.85 -1.57
CA PRO A 46 14.86 15.24 -2.05
C PRO A 46 16.18 15.80 -2.58
N ASN A 47 17.28 15.08 -2.44
CA ASN A 47 18.55 15.50 -3.02
C ASN A 47 18.77 14.78 -4.35
N ALA A 48 19.42 15.49 -5.28
CA ALA A 48 19.84 14.91 -6.55
C ALA A 48 20.53 13.59 -6.29
N PRO A 49 20.24 12.54 -7.07
CA PRO A 49 19.38 12.51 -8.26
C PRO A 49 17.89 12.23 -8.00
N PHE A 50 17.40 12.45 -6.79
CA PHE A 50 15.99 12.35 -6.43
C PHE A 50 15.44 10.93 -6.53
N HIS A 51 16.31 9.93 -6.63
CA HIS A 51 15.95 8.54 -6.45
C HIS A 51 17.08 7.84 -5.72
N THR A 52 16.81 6.61 -5.31
CA THR A 52 17.85 5.70 -4.83
C THR A 52 18.00 4.54 -5.81
N ALA A 53 19.11 3.80 -5.65
CA ALA A 53 19.30 2.59 -6.43
C ALA A 53 18.17 1.58 -6.21
N ARG A 54 17.52 1.63 -5.04
CA ARG A 54 16.42 0.73 -4.73
C ARG A 54 15.17 1.11 -5.51
N GLU A 55 14.81 2.40 -5.51
CA GLU A 55 13.68 2.83 -6.32
C GLU A 55 13.90 2.47 -7.79
N MET A 56 15.11 2.71 -8.29
CA MET A 56 15.41 2.39 -9.68
C MET A 56 15.30 0.90 -9.94
N ALA A 57 15.81 0.07 -9.03
CA ALA A 57 15.74 -1.38 -9.23
C ALA A 57 14.30 -1.87 -9.20
N ASN A 58 13.48 -1.28 -8.33
CA ASN A 58 12.09 -1.68 -8.23
C ASN A 58 11.29 -1.19 -9.44
N ALA A 59 11.59 0.02 -9.95
CA ALA A 59 10.90 0.47 -11.16
C ALA A 59 11.20 -0.46 -12.33
N LYS A 60 12.42 -1.01 -12.40
CA LYS A 60 12.76 -1.93 -13.46
C LYS A 60 12.19 -3.32 -13.23
N ALA A 61 12.20 -3.80 -11.98
CA ALA A 61 11.54 -5.06 -11.67
C ALA A 61 10.04 -4.98 -11.94
N ILE A 62 9.40 -3.86 -11.56
CA ILE A 62 7.97 -3.69 -11.84
C ILE A 62 7.71 -3.74 -13.34
N ALA A 63 8.54 -3.04 -14.13
CA ALA A 63 8.41 -3.04 -15.59
C ALA A 63 8.48 -4.46 -16.14
N THR A 64 9.45 -5.24 -15.67
CA THR A 64 9.58 -6.61 -16.15
C THR A 64 8.34 -7.43 -15.81
N THR A 65 7.78 -7.23 -14.61
CA THR A 65 6.61 -7.98 -14.18
C THR A 65 5.36 -7.62 -14.97
N VAL A 66 5.14 -6.32 -15.21
CA VAL A 66 4.02 -5.86 -16.03
C VAL A 66 4.20 -6.31 -17.47
N LYS A 67 5.44 -6.28 -17.98
CA LYS A 67 5.70 -6.67 -19.37
C LYS A 67 5.45 -8.16 -19.59
N THR A 68 5.89 -9.00 -18.65
CA THR A 68 5.77 -10.45 -18.78
C THR A 68 4.42 -10.96 -18.31
N LEU A 69 3.97 -10.55 -17.11
CA LEU A 69 2.77 -11.10 -16.50
C LEU A 69 1.54 -10.21 -16.60
N GLY A 70 1.72 -8.91 -16.82
CA GLY A 70 0.60 -7.98 -16.95
C GLY A 70 0.12 -7.33 -15.67
N ALA A 71 -0.25 -6.05 -15.75
CA ALA A 71 -0.89 -5.38 -14.62
C ALA A 71 -1.99 -4.48 -15.14
N ASP A 72 -3.15 -4.58 -14.48
CA ASP A 72 -4.25 -3.65 -14.73
C ASP A 72 -4.04 -2.30 -14.05
N PHE A 73 -3.30 -2.27 -12.96
CA PHE A 73 -3.02 -1.01 -12.27
C PHE A 73 -1.96 -1.27 -11.22
N ILE A 74 -1.48 -0.19 -10.64
CA ILE A 74 -0.44 -0.22 -9.62
C ILE A 74 -0.97 0.55 -8.43
N LEU A 75 -0.78 -0.01 -7.24
CA LEU A 75 -1.28 0.57 -5.99
C LEU A 75 -0.10 1.08 -5.18
N SER A 76 -0.07 2.38 -4.91
CA SER A 76 0.94 2.95 -4.05
C SER A 76 0.46 2.94 -2.61
N LEU A 77 1.29 2.40 -1.71
CA LEU A 77 0.95 2.28 -0.30
C LEU A 77 1.55 3.41 0.55
N GLY A 78 1.92 4.54 -0.06
CA GLY A 78 2.22 5.77 0.66
C GLY A 78 3.71 6.01 0.84
N ASP A 79 4.02 7.18 1.40
CA ASP A 79 5.37 7.73 1.39
C ASP A 79 5.84 7.84 -0.06
N ASN A 80 5.09 8.66 -0.80
CA ASN A 80 5.30 8.88 -2.23
C ASN A 80 6.49 9.79 -2.53
N PHE A 81 6.88 10.66 -1.61
CA PHE A 81 8.00 11.58 -1.85
C PHE A 81 8.70 11.86 -0.53
N TYR A 82 9.88 11.29 -0.33
CA TYR A 82 10.70 11.54 0.86
C TYR A 82 11.45 12.87 0.70
N PHE A 83 11.69 13.56 1.82
CA PHE A 83 11.22 13.18 3.15
C PHE A 83 10.11 14.07 3.67
N THR A 84 9.71 15.07 2.86
CA THR A 84 8.70 16.05 3.25
C THR A 84 7.69 16.28 2.14
N GLY A 85 7.44 15.28 1.31
CA GLY A 85 6.46 15.35 0.23
C GLY A 85 6.74 16.46 -0.76
N VAL A 86 5.67 17.01 -1.32
CA VAL A 86 5.76 18.05 -2.36
C VAL A 86 5.19 19.34 -1.82
N HIS A 87 5.62 20.45 -2.42
N HIS A 87 5.60 20.46 -2.42
N HIS A 87 5.61 20.46 -2.41
CA HIS A 87 5.15 21.77 -2.00
CA HIS A 87 5.13 21.76 -1.95
CA HIS A 87 5.15 21.77 -1.99
C HIS A 87 3.82 22.12 -2.64
C HIS A 87 3.91 22.27 -2.70
C HIS A 87 3.84 22.17 -2.66
N ASP A 88 3.66 21.80 -3.92
CA ASP A 88 2.46 22.13 -4.66
C ASP A 88 2.39 21.19 -5.85
N ALA A 89 1.32 21.34 -6.64
CA ALA A 89 1.04 20.43 -7.75
C ALA A 89 2.05 20.59 -8.90
N LYS A 90 2.81 21.67 -8.93
CA LYS A 90 3.85 21.90 -9.92
C LYS A 90 5.25 21.51 -9.43
N ASP A 91 5.34 20.92 -8.23
CA ASP A 91 6.62 20.51 -7.66
C ASP A 91 7.40 19.62 -8.62
N LYS A 92 8.67 19.96 -8.82
CA LYS A 92 9.48 19.22 -9.77
C LYS A 92 9.66 17.77 -9.35
N ARG A 93 9.43 17.45 -8.06
CA ARG A 93 9.65 16.09 -7.59
C ARG A 93 8.72 15.12 -8.29
N PHE A 94 7.54 15.59 -8.72
CA PHE A 94 6.63 14.70 -9.45
CA PHE A 94 6.63 14.71 -9.46
C PHE A 94 7.32 14.10 -10.67
N GLN A 95 8.11 14.91 -11.39
CA GLN A 95 8.85 14.41 -12.54
CA GLN A 95 8.82 14.37 -12.53
C GLN A 95 10.10 13.65 -12.13
N GLU A 96 10.86 14.19 -11.17
CA GLU A 96 12.16 13.65 -10.81
C GLU A 96 12.04 12.31 -10.08
N THR A 97 11.15 12.23 -9.10
CA THR A 97 11.02 11.01 -8.33
C THR A 97 10.01 10.03 -8.91
N PHE A 98 8.94 10.51 -9.53
CA PHE A 98 7.92 9.57 -10.01
C PHE A 98 7.97 9.33 -11.53
N GLU A 99 7.65 10.35 -12.33
CA GLU A 99 7.41 10.11 -13.76
C GLU A 99 8.66 9.60 -14.47
N ASP A 100 9.80 10.28 -14.27
CA ASP A 100 11.01 9.87 -14.98
C ASP A 100 11.56 8.55 -14.46
N VAL A 101 11.25 8.18 -13.22
CA VAL A 101 11.78 6.95 -12.67
C VAL A 101 10.98 5.76 -13.17
N PHE A 102 9.66 5.86 -13.21
CA PHE A 102 8.82 4.78 -13.72
C PHE A 102 8.48 5.03 -15.20
N SER A 103 9.52 4.95 -16.03
CA SER A 103 9.42 5.43 -17.41
C SER A 103 9.70 4.35 -18.47
N ASP A 104 9.93 3.11 -18.08
CA ASP A 104 9.97 2.03 -19.06
C ASP A 104 8.70 2.04 -19.90
N PRO A 105 8.81 1.92 -21.22
CA PRO A 105 7.61 1.88 -22.08
C PRO A 105 6.50 0.95 -21.59
N SER A 106 6.85 -0.22 -21.07
CA SER A 106 5.82 -1.16 -20.63
C SER A 106 4.96 -0.62 -19.49
N LEU A 107 5.37 0.47 -18.83
CA LEU A 107 4.60 1.08 -17.75
C LEU A 107 3.87 2.34 -18.19
N ARG A 108 3.89 2.67 -19.49
N ARG A 108 3.88 2.65 -19.49
CA ARG A 108 3.48 4.00 -19.94
CA ARG A 108 3.49 3.98 -19.96
C ARG A 108 2.06 4.32 -19.54
C ARG A 108 2.05 4.33 -19.57
N ASN A 109 1.13 3.40 -19.76
CA ASN A 109 -0.29 3.66 -19.59
C ASN A 109 -0.91 2.87 -18.45
N VAL A 110 -0.10 2.41 -17.50
CA VAL A 110 -0.63 1.67 -16.36
C VAL A 110 -1.11 2.70 -15.35
N PRO A 111 -2.40 2.75 -15.02
CA PRO A 111 -2.86 3.69 -13.98
C PRO A 111 -2.25 3.34 -12.62
N TRP A 112 -1.94 4.38 -11.86
CA TRP A 112 -1.59 4.25 -10.46
C TRP A 112 -2.77 4.74 -9.62
N HIS A 113 -3.08 4.01 -8.54
CA HIS A 113 -4.01 4.49 -7.53
C HIS A 113 -3.25 4.71 -6.24
N VAL A 114 -3.38 5.91 -5.68
CA VAL A 114 -2.42 6.41 -4.71
C VAL A 114 -3.12 6.71 -3.39
N LEU A 115 -2.38 6.49 -2.29
CA LEU A 115 -2.71 7.05 -0.98
C LEU A 115 -1.43 7.62 -0.35
N ALA A 116 -1.61 8.39 0.74
CA ALA A 116 -0.53 9.16 1.35
C ALA A 116 0.02 8.50 2.61
N GLY A 117 1.31 8.76 2.87
CA GLY A 117 1.96 8.39 4.10
C GLY A 117 2.35 9.57 4.97
N ASN A 118 3.13 9.27 6.02
CA ASN A 118 3.52 10.30 6.98
C ASN A 118 4.40 11.36 6.32
N HIS A 119 5.34 10.96 5.47
CA HIS A 119 6.21 11.98 4.84
C HIS A 119 5.45 12.80 3.82
N ASP A 120 4.42 12.23 3.20
CA ASP A 120 3.58 13.03 2.32
C ASP A 120 2.88 14.16 3.09
N HIS A 121 2.49 13.88 4.34
CA HIS A 121 1.76 14.86 5.14
C HIS A 121 2.66 15.84 5.87
N LEU A 122 3.96 15.58 5.96
CA LEU A 122 4.91 16.63 6.30
C LEU A 122 4.93 17.72 5.24
N GLY A 123 4.50 17.39 4.01
CA GLY A 123 4.33 18.35 2.94
C GLY A 123 2.87 18.61 2.58
N ASN A 124 2.60 18.82 1.30
CA ASN A 124 1.29 19.28 0.85
C ASN A 124 0.61 18.10 0.15
N VAL A 125 -0.38 17.50 0.82
CA VAL A 125 -1.04 16.31 0.28
C VAL A 125 -2.12 16.70 -0.73
N SER A 126 -2.74 17.86 -0.59
CA SER A 126 -3.68 18.34 -1.60
C SER A 126 -3.00 18.54 -2.94
N ALA A 127 -1.70 18.86 -2.93
CA ALA A 127 -0.90 18.92 -4.15
C ALA A 127 -0.86 17.56 -4.84
N GLN A 128 -0.72 16.48 -4.07
CA GLN A 128 -0.70 15.16 -4.68
C GLN A 128 -2.06 14.75 -5.21
N ILE A 129 -3.13 15.18 -4.53
CA ILE A 129 -4.48 14.96 -5.05
C ILE A 129 -4.71 15.82 -6.28
N ALA A 130 -4.18 17.05 -6.30
CA ALA A 130 -4.35 17.90 -7.46
C ALA A 130 -3.51 17.43 -8.66
N TYR A 131 -2.41 16.74 -8.42
CA TYR A 131 -1.64 16.21 -9.54
C TYR A 131 -2.45 15.19 -10.36
N SER A 132 -3.49 14.59 -9.77
CA SER A 132 -4.39 13.71 -10.51
C SER A 132 -4.88 14.32 -11.83
N LYS A 133 -5.07 15.64 -11.86
CA LYS A 133 -5.54 16.24 -13.10
CA LYS A 133 -5.54 16.32 -13.06
C LYS A 133 -4.41 16.68 -14.01
N ILE A 134 -3.17 16.60 -13.55
CA ILE A 134 -2.01 16.94 -14.39
C ILE A 134 -1.50 15.73 -15.17
N SER A 135 -1.44 14.55 -14.54
CA SER A 135 -0.87 13.35 -15.15
C SER A 135 -1.95 12.28 -15.28
N LYS A 136 -2.05 11.70 -16.47
CA LYS A 136 -3.12 10.76 -16.77
C LYS A 136 -3.10 9.57 -15.82
N ARG A 137 -1.95 8.94 -15.65
CA ARG A 137 -1.88 7.68 -14.93
C ARG A 137 -1.96 7.83 -13.42
N TRP A 138 -1.91 9.07 -12.91
CA TRP A 138 -1.92 9.33 -11.47
C TRP A 138 -3.36 9.56 -11.01
N ASN A 139 -3.87 8.64 -10.20
CA ASN A 139 -5.24 8.71 -9.71
C ASN A 139 -5.19 8.77 -8.18
N PHE A 140 -5.76 9.84 -7.62
CA PHE A 140 -5.69 10.19 -6.21
C PHE A 140 -6.72 11.29 -5.97
N PRO A 141 -8.01 10.94 -5.93
CA PRO A 141 -9.06 11.97 -5.95
C PRO A 141 -9.30 12.64 -4.61
N SER A 142 -8.92 12.00 -3.52
CA SER A 142 -9.21 12.47 -2.17
C SER A 142 -8.32 11.67 -1.22
N PRO A 143 -8.14 12.12 0.03
CA PRO A 143 -7.28 11.37 0.96
C PRO A 143 -7.73 9.94 1.16
N TYR A 144 -9.03 9.68 1.20
CA TYR A 144 -9.55 8.33 1.25
C TYR A 144 -10.74 8.23 0.30
N TYR A 145 -10.95 7.02 -0.21
CA TYR A 145 -11.90 6.82 -1.30
C TYR A 145 -12.03 5.32 -1.57
N ARG A 146 -13.10 4.97 -2.29
CA ARG A 146 -13.38 3.60 -2.66
C ARG A 146 -13.09 3.39 -4.15
N LEU A 147 -12.46 2.27 -4.47
CA LEU A 147 -12.31 1.78 -5.83
C LEU A 147 -13.16 0.53 -6.03
N ARG A 148 -13.80 0.44 -7.19
CA ARG A 148 -14.58 -0.74 -7.56
C ARG A 148 -14.10 -1.27 -8.90
N PHE A 149 -14.02 -2.61 -9.00
CA PHE A 149 -13.54 -3.31 -10.17
C PHE A 149 -14.39 -4.55 -10.40
N LYS A 150 -14.78 -4.77 -11.65
CA LYS A 150 -15.25 -6.08 -12.06
C LYS A 150 -14.13 -6.82 -12.77
N ILE A 151 -14.02 -8.12 -12.53
CA ILE A 151 -13.07 -8.94 -13.27
C ILE A 151 -13.63 -9.20 -14.67
N PRO A 152 -12.89 -8.92 -15.73
CA PRO A 152 -13.46 -8.99 -17.07
C PRO A 152 -14.01 -10.38 -17.40
N ARG A 153 -15.13 -10.40 -18.13
CA ARG A 153 -15.81 -11.64 -18.50
C ARG A 153 -16.05 -12.52 -17.27
N SER A 154 -16.53 -11.89 -16.21
CA SER A 154 -17.02 -12.61 -15.05
C SER A 154 -17.94 -11.67 -14.29
N ASN A 155 -18.69 -12.25 -13.37
CA ASN A 155 -19.56 -11.52 -12.47
C ASN A 155 -18.87 -11.20 -11.15
N VAL A 156 -17.58 -11.52 -11.04
CA VAL A 156 -16.84 -11.38 -9.79
C VAL A 156 -16.34 -9.94 -9.65
N SER A 157 -16.68 -9.31 -8.52
CA SER A 157 -16.33 -7.92 -8.24
C SER A 157 -15.25 -7.84 -7.16
N VAL A 158 -14.47 -6.75 -7.22
CA VAL A 158 -13.46 -6.45 -6.20
C VAL A 158 -13.68 -5.03 -5.71
N ALA A 159 -13.59 -4.84 -4.39
CA ALA A 159 -13.62 -3.52 -3.79
C ALA A 159 -12.31 -3.25 -3.09
N ILE A 160 -11.81 -2.02 -3.23
CA ILE A 160 -10.60 -1.59 -2.56
C ILE A 160 -10.88 -0.24 -1.93
N PHE A 161 -10.69 -0.16 -0.61
CA PHE A 161 -10.86 1.07 0.14
C PHE A 161 -9.47 1.60 0.47
N MET A 162 -9.15 2.77 -0.07
CA MET A 162 -7.88 3.42 0.16
C MET A 162 -8.04 4.37 1.34
N LEU A 163 -7.35 4.07 2.44
CA LEU A 163 -7.41 4.88 3.65
C LEU A 163 -6.26 5.90 3.70
N ASP A 164 -6.49 6.97 4.47
CA ASP A 164 -5.43 7.88 4.90
C ASP A 164 -5.20 7.64 6.39
N THR A 165 -4.23 6.79 6.72
CA THR A 165 -3.97 6.45 8.11
C THR A 165 -3.31 7.59 8.87
N VAL A 166 -2.79 8.62 8.18
CA VAL A 166 -2.21 9.78 8.84
C VAL A 166 -3.30 10.65 9.48
N THR A 167 -4.35 10.97 8.74
CA THR A 167 -5.39 11.77 9.35
C THR A 167 -6.27 10.94 10.28
N LEU A 168 -6.32 9.62 10.07
CA LEU A 168 -7.06 8.76 10.99
C LEU A 168 -6.37 8.67 12.34
N CYS A 169 -5.04 8.58 12.34
CA CYS A 169 -4.28 8.25 13.54
C CYS A 169 -3.26 9.31 13.94
N GLY A 170 -2.91 10.22 13.08
CA GLY A 170 -1.85 11.17 13.38
C GLY A 170 -0.59 10.86 12.59
N ASN A 171 0.20 11.90 12.34
CA ASN A 171 1.47 11.76 11.63
C ASN A 171 2.53 11.23 12.58
N SER A 172 3.11 10.08 12.26
CA SER A 172 4.18 9.52 13.08
C SER A 172 5.38 10.44 13.18
N ASP A 173 5.67 11.22 12.13
CA ASP A 173 6.77 12.19 12.18
C ASP A 173 6.49 13.37 13.10
N ASP A 174 5.28 13.48 13.64
CA ASP A 174 4.97 14.52 14.61
C ASP A 174 5.37 14.15 16.03
N PHE A 175 5.86 12.92 16.24
CA PHE A 175 6.21 12.44 17.57
C PHE A 175 7.63 11.90 17.55
N VAL A 176 8.34 12.05 18.68
CA VAL A 176 9.70 11.54 18.78
C VAL A 176 9.70 10.02 18.70
N SER A 177 8.72 9.37 19.32
CA SER A 177 8.58 7.92 19.25
C SER A 177 8.38 7.41 17.82
N GLN A 178 7.86 8.26 16.92
CA GLN A 178 7.47 7.90 15.56
C GLN A 178 6.35 6.87 15.54
N GLN A 179 5.55 6.84 16.60
CA GLN A 179 4.33 6.03 16.61
CA GLN A 179 4.33 6.04 16.63
C GLN A 179 3.16 6.99 16.80
N PRO A 180 2.25 7.10 15.80
CA PRO A 180 1.20 8.14 15.80
C PRO A 180 0.32 8.14 17.04
N GLU A 181 0.54 9.07 17.95
CA GLU A 181 -0.08 8.99 19.26
C GLU A 181 -1.55 9.41 19.26
N ARG A 182 -1.99 10.21 18.27
CA ARG A 182 -3.30 10.83 18.23
C ARG A 182 -3.43 11.67 16.96
N PRO A 183 -4.63 11.82 16.39
CA PRO A 183 -4.76 12.62 15.17
C PRO A 183 -4.75 14.10 15.49
N ARG A 184 -4.30 14.88 14.52
CA ARG A 184 -4.29 16.33 14.70
CA ARG A 184 -4.29 16.33 14.70
C ARG A 184 -5.68 16.95 14.60
N ASN A 185 -6.65 16.28 13.98
CA ASN A 185 -8.00 16.81 13.88
C ASN A 185 -9.00 15.71 14.25
N LEU A 186 -9.75 15.94 15.33
CA LEU A 186 -10.67 14.93 15.85
C LEU A 186 -11.84 14.69 14.90
N ALA A 187 -12.37 15.77 14.30
CA ALA A 187 -13.48 15.64 13.38
C ALA A 187 -13.11 14.83 12.16
N LEU A 188 -11.91 15.07 11.62
CA LEU A 188 -11.47 14.32 10.45
C LEU A 188 -11.36 12.83 10.78
N ALA A 189 -10.62 12.51 11.85
CA ALA A 189 -10.39 11.11 12.20
C ALA A 189 -11.71 10.40 12.42
N ARG A 190 -12.65 11.07 13.11
CA ARG A 190 -13.94 10.49 13.37
C ARG A 190 -14.75 10.32 12.09
N THR A 191 -14.65 11.31 11.18
CA THR A 191 -15.38 11.25 9.93
C THR A 191 -14.90 10.09 9.06
N GLN A 192 -13.58 9.94 8.91
CA GLN A 192 -13.06 8.85 8.11
C GLN A 192 -13.40 7.50 8.73
N LEU A 193 -13.29 7.36 10.06
CA LEU A 193 -13.64 6.09 10.68
C LEU A 193 -15.11 5.76 10.45
N ALA A 194 -16.01 6.75 10.57
CA ALA A 194 -17.42 6.50 10.29
C ALA A 194 -17.62 6.13 8.84
N TRP A 195 -16.83 6.71 7.94
CA TRP A 195 -16.90 6.35 6.53
C TRP A 195 -16.51 4.89 6.32
N ILE A 196 -15.42 4.45 6.94
CA ILE A 196 -14.98 3.07 6.77
C ILE A 196 -16.05 2.12 7.28
N LYS A 197 -16.52 2.35 8.51
CA LYS A 197 -17.53 1.48 9.10
C LYS A 197 -18.73 1.33 8.16
N LYS A 198 -19.19 2.45 7.62
CA LYS A 198 -20.35 2.43 6.73
C LYS A 198 -20.06 1.64 5.47
N GLN A 199 -18.98 1.99 4.77
CA GLN A 199 -18.66 1.33 3.51
C GLN A 199 -18.50 -0.17 3.71
N LEU A 200 -17.85 -0.57 4.80
CA LEU A 200 -17.53 -1.97 4.98
C LEU A 200 -18.77 -2.79 5.28
N ALA A 201 -19.75 -2.15 5.94
CA ALA A 201 -20.99 -2.82 6.31
C ALA A 201 -21.86 -3.09 5.08
N ALA A 202 -21.76 -2.23 4.07
CA ALA A 202 -22.55 -2.30 2.85
C ALA A 202 -21.82 -2.93 1.67
N ALA A 203 -20.53 -3.24 1.81
CA ALA A 203 -19.76 -3.71 0.66
C ALA A 203 -20.13 -5.15 0.35
N LYS A 204 -20.73 -5.38 -0.82
CA LYS A 204 -21.17 -6.72 -1.18
C LYS A 204 -20.26 -7.40 -2.19
N GLU A 205 -19.06 -6.87 -2.42
CA GLU A 205 -18.21 -7.38 -3.48
C GLU A 205 -17.60 -8.74 -3.12
N ASP A 206 -17.08 -9.42 -4.15
CA ASP A 206 -16.60 -10.78 -3.96
C ASP A 206 -15.29 -10.82 -3.20
N TYR A 207 -14.41 -9.84 -3.41
CA TYR A 207 -13.20 -9.66 -2.63
C TYR A 207 -13.18 -8.22 -2.15
N VAL A 208 -12.92 -8.02 -0.86
CA VAL A 208 -12.87 -6.69 -0.27
C VAL A 208 -11.48 -6.46 0.32
N LEU A 209 -10.80 -5.43 -0.16
CA LEU A 209 -9.45 -5.09 0.28
C LEU A 209 -9.44 -3.70 0.90
N VAL A 210 -8.68 -3.54 1.98
CA VAL A 210 -8.46 -2.24 2.60
C VAL A 210 -6.97 -1.94 2.54
N ALA A 211 -6.62 -0.68 2.29
CA ALA A 211 -5.23 -0.28 2.11
C ALA A 211 -4.98 1.02 2.87
N GLY A 212 -3.77 1.14 3.40
CA GLY A 212 -3.35 2.33 4.13
C GLY A 212 -1.86 2.27 4.35
N HIS A 213 -1.29 3.43 4.68
CA HIS A 213 0.16 3.47 4.81
C HIS A 213 0.64 2.68 6.02
N TYR A 214 0.05 2.95 7.20
CA TYR A 214 0.45 2.33 8.47
C TYR A 214 0.07 0.85 8.55
N PRO A 215 0.88 0.04 9.23
CA PRO A 215 0.52 -1.37 9.39
C PRO A 215 -0.47 -1.60 10.53
N VAL A 216 -1.32 -2.62 10.36
CA VAL A 216 -2.05 -3.15 11.51
C VAL A 216 -1.07 -3.99 12.32
N TRP A 217 -0.61 -5.08 11.72
CA TRP A 217 0.44 -5.91 12.31
C TRP A 217 1.73 -5.70 11.54
N SER A 218 2.84 -5.62 12.27
CA SER A 218 4.17 -5.65 11.65
C SER A 218 5.21 -6.01 12.70
N ILE A 219 6.18 -6.85 12.33
CA ILE A 219 7.20 -7.28 13.28
C ILE A 219 8.41 -6.35 13.29
N ALA A 220 8.42 -5.29 12.47
CA ALA A 220 9.67 -4.59 12.18
C ALA A 220 9.84 -3.31 13.02
N GLU A 221 10.61 -2.34 12.51
CA GLU A 221 11.05 -1.23 13.36
C GLU A 221 9.87 -0.47 13.94
N HIS A 222 8.89 -0.09 13.11
CA HIS A 222 7.70 0.61 13.59
C HIS A 222 6.77 -0.30 14.39
N GLY A 223 6.52 -1.52 13.91
CA GLY A 223 5.63 -2.43 14.61
C GLY A 223 4.15 -2.16 14.36
N PRO A 224 3.29 -2.80 15.15
CA PRO A 224 1.85 -2.56 15.00
C PRO A 224 1.49 -1.12 15.31
N THR A 225 0.44 -0.62 14.62
CA THR A 225 -0.05 0.73 14.85
C THR A 225 -1.25 0.60 15.76
N HIS A 226 -1.07 1.00 17.03
CA HIS A 226 -2.10 0.87 18.05
CA HIS A 226 -2.10 0.82 18.03
C HIS A 226 -3.43 1.44 17.59
N CYS A 227 -3.40 2.62 16.97
CA CYS A 227 -4.63 3.24 16.49
C CYS A 227 -5.43 2.31 15.56
N LEU A 228 -4.74 1.59 14.66
CA LEU A 228 -5.42 0.75 13.68
C LEU A 228 -5.88 -0.56 14.29
N VAL A 229 -5.05 -1.14 15.15
CA VAL A 229 -5.40 -2.34 15.92
C VAL A 229 -6.68 -2.11 16.73
N LYS A 230 -6.80 -0.94 17.36
CA LYS A 230 -7.95 -0.69 18.22
CA LYS A 230 -7.95 -0.67 18.23
C LYS A 230 -9.19 -0.29 17.42
N GLN A 231 -9.02 0.54 16.40
CA GLN A 231 -10.14 1.08 15.65
C GLN A 231 -10.43 0.36 14.33
N LEU A 232 -9.41 0.01 13.56
CA LEU A 232 -9.65 -0.54 12.22
C LEU A 232 -9.83 -2.05 12.23
N LEU A 233 -8.89 -2.78 12.86
CA LEU A 233 -8.98 -4.24 12.94
C LEU A 233 -10.38 -4.78 13.27
N PRO A 234 -11.10 -4.28 14.30
CA PRO A 234 -12.44 -4.85 14.56
C PRO A 234 -13.37 -4.79 13.37
N LEU A 235 -13.32 -3.68 12.64
CA LEU A 235 -14.14 -3.56 11.44
C LEU A 235 -13.72 -4.58 10.39
N LEU A 236 -12.41 -4.72 10.16
CA LEU A 236 -11.91 -5.72 9.23
C LEU A 236 -12.43 -7.11 9.60
N THR A 237 -12.49 -7.41 10.89
CA THR A 237 -12.95 -8.72 11.35
C THR A 237 -14.47 -8.87 11.16
N THR A 238 -15.23 -7.88 11.65
CA THR A 238 -16.70 -7.96 11.61
C THR A 238 -17.20 -8.17 10.18
N HIS A 239 -16.65 -7.44 9.22
CA HIS A 239 -17.16 -7.43 7.86
C HIS A 239 -16.38 -8.33 6.91
N LYS A 240 -15.49 -9.19 7.43
CA LYS A 240 -14.87 -10.25 6.67
C LYS A 240 -14.04 -9.72 5.50
N VAL A 241 -13.20 -8.72 5.79
CA VAL A 241 -12.32 -8.16 4.77
C VAL A 241 -11.35 -9.25 4.30
N THR A 242 -10.98 -9.21 3.01
CA THR A 242 -10.07 -10.20 2.46
C THR A 242 -8.64 -9.99 2.95
N ALA A 243 -8.13 -8.76 2.85
CA ALA A 243 -6.77 -8.46 3.26
C ALA A 243 -6.65 -6.96 3.54
N TYR A 244 -5.69 -6.62 4.38
CA TYR A 244 -5.26 -5.24 4.59
C TYR A 244 -3.85 -5.10 4.04
N LEU A 245 -3.69 -4.16 3.12
CA LEU A 245 -2.43 -3.89 2.45
C LEU A 245 -1.81 -2.63 3.06
N CYS A 246 -0.51 -2.65 3.30
CA CYS A 246 0.12 -1.48 3.87
C CYS A 246 1.61 -1.45 3.50
N GLY A 247 2.24 -0.31 3.78
CA GLY A 247 3.68 -0.16 3.78
C GLY A 247 4.20 0.27 5.14
N HIS A 248 4.97 1.37 5.18
CA HIS A 248 5.45 2.07 6.38
C HIS A 248 6.69 1.39 6.98
N ASP A 249 6.61 0.09 7.27
CA ASP A 249 7.84 -0.63 7.61
C ASP A 249 8.54 -1.02 6.32
N HIS A 250 9.84 -0.79 6.26
CA HIS A 250 10.58 -0.83 4.99
C HIS A 250 11.14 -2.24 4.73
N ASN A 251 10.22 -3.13 4.37
CA ASN A 251 10.52 -4.53 4.07
C ASN A 251 9.29 -5.24 3.51
N LEU A 252 9.27 -6.57 3.58
CA LEU A 252 8.18 -7.36 3.00
C LEU A 252 7.75 -8.39 4.03
N GLN A 253 6.43 -8.47 4.28
CA GLN A 253 5.87 -9.36 5.28
C GLN A 253 4.51 -9.87 4.81
N TYR A 254 4.25 -11.16 5.03
CA TYR A 254 2.88 -11.68 4.99
C TYR A 254 2.50 -12.15 6.37
N LEU A 255 1.35 -11.68 6.85
CA LEU A 255 0.78 -12.08 8.13
C LEU A 255 -0.65 -12.54 7.91
N GLN A 256 -1.15 -13.35 8.84
CA GLN A 256 -2.50 -13.88 8.74
C GLN A 256 -2.98 -14.25 10.13
N ASP A 257 -4.22 -13.89 10.47
CA ASP A 257 -4.68 -14.17 11.82
C ASP A 257 -5.50 -15.47 11.84
N GLU A 258 -6.00 -15.81 13.02
CA GLU A 258 -6.72 -17.07 13.17
C GLU A 258 -8.01 -17.09 12.39
N ASN A 259 -8.51 -15.93 11.97
CA ASN A 259 -9.74 -15.84 11.19
C ASN A 259 -9.49 -15.85 9.69
N GLY A 260 -8.26 -16.01 9.25
CA GLY A 260 -7.99 -16.01 7.85
C GLY A 260 -7.75 -14.65 7.23
N LEU A 261 -7.91 -13.57 7.99
CA LEU A 261 -7.65 -12.25 7.42
C LEU A 261 -6.17 -12.10 7.12
N GLY A 262 -5.86 -11.67 5.89
CA GLY A 262 -4.48 -11.53 5.46
C GLY A 262 -3.95 -10.12 5.62
N PHE A 263 -2.65 -10.02 5.87
CA PHE A 263 -1.98 -8.73 6.02
C PHE A 263 -0.79 -8.70 5.06
N VAL A 264 -0.93 -7.94 3.98
CA VAL A 264 0.09 -7.76 2.96
C VAL A 264 0.85 -6.47 3.28
N LEU A 265 2.09 -6.58 3.75
CA LEU A 265 2.94 -5.41 3.99
C LEU A 265 3.99 -5.33 2.89
N SER A 266 3.96 -4.23 2.12
CA SER A 266 4.86 -4.01 0.99
C SER A 266 5.38 -2.58 1.11
N GLY A 267 6.54 -2.42 1.75
CA GLY A 267 7.08 -1.09 1.97
C GLY A 267 8.51 -0.96 1.54
N ALA A 268 8.93 -1.69 0.50
CA ALA A 268 10.33 -1.85 0.16
C ALA A 268 10.69 -1.26 -1.21
N GLY A 269 10.00 -0.20 -1.64
CA GLY A 269 10.32 0.43 -2.92
C GLY A 269 11.60 1.26 -2.92
N ASN A 270 12.07 1.68 -1.74
CA ASN A 270 13.16 2.65 -1.63
C ASN A 270 14.18 2.28 -0.55
N PHE A 271 13.77 1.59 0.51
CA PHE A 271 14.64 1.22 1.62
C PHE A 271 14.39 -0.23 1.97
N MET A 272 15.37 -0.85 2.61
CA MET A 272 15.22 -2.20 3.15
C MET A 272 15.75 -2.20 4.55
N ASP A 273 14.91 -2.59 5.51
CA ASP A 273 15.30 -2.51 6.90
C ASP A 273 15.07 -3.87 7.55
N PRO A 274 16.11 -4.51 8.07
CA PRO A 274 15.96 -5.88 8.60
C PRO A 274 15.47 -5.95 10.03
N SER A 275 15.10 -4.82 10.64
CA SER A 275 14.69 -4.81 12.04
C SER A 275 13.62 -5.86 12.27
N LYS A 276 13.72 -6.56 13.41
CA LYS A 276 12.64 -7.40 13.90
C LYS A 276 12.23 -6.95 15.29
N LYS A 277 12.31 -5.63 15.54
CA LYS A 277 12.15 -5.10 16.89
C LYS A 277 10.81 -5.51 17.49
N HIS A 278 9.76 -5.56 16.67
CA HIS A 278 8.42 -5.77 17.19
C HIS A 278 7.91 -7.20 16.97
N LEU A 279 8.81 -8.17 16.86
CA LEU A 279 8.42 -9.55 16.55
C LEU A 279 7.44 -10.12 17.58
N ARG A 280 7.64 -9.80 18.87
N ARG A 280 7.64 -9.80 18.87
CA ARG A 280 6.77 -10.34 19.91
CA ARG A 280 6.81 -10.31 19.94
C ARG A 280 5.66 -9.36 20.30
C ARG A 280 5.64 -9.39 20.26
N LYS A 281 5.49 -8.27 19.57
CA LYS A 281 4.31 -7.44 19.70
C LYS A 281 3.21 -7.89 18.76
N VAL A 282 3.51 -8.77 17.82
CA VAL A 282 2.51 -9.33 16.90
C VAL A 282 2.07 -10.65 17.51
N PRO A 283 0.77 -10.97 17.52
CA PRO A 283 0.34 -12.23 18.15
C PRO A 283 1.03 -13.43 17.54
N ASN A 284 1.36 -14.41 18.39
CA ASN A 284 2.08 -15.63 18.01
CA ASN A 284 2.14 -15.56 17.94
C ASN A 284 1.44 -16.29 16.80
N GLY A 285 2.24 -16.65 15.79
CA GLY A 285 1.74 -17.37 14.63
C GLY A 285 1.24 -16.51 13.49
N TYR A 286 1.09 -15.19 13.71
CA TYR A 286 0.58 -14.33 12.64
C TYR A 286 1.58 -14.25 11.48
N LEU A 287 2.86 -14.08 11.80
CA LEU A 287 3.85 -13.85 10.76
C LEU A 287 4.01 -15.13 9.95
N ARG A 288 3.75 -15.02 8.64
CA ARG A 288 3.84 -16.17 7.77
C ARG A 288 5.01 -16.08 6.81
N PHE A 289 5.55 -14.89 6.59
CA PHE A 289 6.71 -14.70 5.73
C PHE A 289 7.25 -13.31 6.00
N HIS A 290 8.57 -13.20 6.05
CA HIS A 290 9.24 -11.94 6.27
C HIS A 290 10.53 -11.95 5.47
N PHE A 291 10.86 -10.80 4.89
CA PHE A 291 12.11 -10.63 4.17
C PHE A 291 12.56 -9.20 4.34
N GLY A 292 13.71 -9.00 4.96
CA GLY A 292 14.22 -7.65 5.16
C GLY A 292 15.73 -7.51 5.05
N ALA A 293 16.36 -8.37 4.26
CA ALA A 293 17.82 -8.40 4.16
C ALA A 293 18.37 -7.02 3.81
N GLU A 294 19.25 -6.50 4.68
CA GLU A 294 19.73 -5.13 4.51
C GLU A 294 20.40 -4.92 3.16
N ASN A 295 20.96 -5.97 2.57
CA ASN A 295 21.64 -5.83 1.29
C ASN A 295 20.74 -6.11 0.10
N SER A 296 19.47 -6.43 0.33
CA SER A 296 18.53 -6.57 -0.76
C SER A 296 18.20 -5.19 -1.34
N LEU A 297 17.79 -5.19 -2.60
CA LEU A 297 17.40 -3.95 -3.23
C LEU A 297 15.95 -3.58 -2.93
N GLY A 298 15.23 -4.36 -2.12
CA GLY A 298 13.83 -4.11 -1.91
C GLY A 298 12.92 -5.08 -2.66
N GLY A 299 11.70 -4.65 -2.94
CA GLY A 299 10.71 -5.54 -3.49
C GLY A 299 9.34 -4.91 -3.49
N PHE A 300 8.36 -5.72 -3.88
CA PHE A 300 6.97 -5.32 -3.97
C PHE A 300 6.12 -6.59 -3.92
N ALA A 301 4.81 -6.41 -4.02
CA ALA A 301 3.85 -7.51 -4.05
C ALA A 301 3.03 -7.48 -5.33
N TYR A 302 2.63 -8.67 -5.77
CA TYR A 302 1.92 -8.91 -7.01
C TYR A 302 0.65 -9.69 -6.69
N VAL A 303 -0.49 -9.03 -6.84
CA VAL A 303 -1.80 -9.60 -6.51
C VAL A 303 -2.50 -10.01 -7.81
N GLU A 304 -3.02 -11.25 -7.82
CA GLU A 304 -3.79 -11.79 -8.94
C GLU A 304 -5.13 -12.33 -8.42
N ILE A 305 -6.23 -11.78 -8.92
CA ILE A 305 -7.56 -12.13 -8.44
C ILE A 305 -8.32 -12.80 -9.57
N THR A 306 -8.80 -14.02 -9.30
CA THR A 306 -9.63 -14.76 -10.24
C THR A 306 -10.94 -15.07 -9.54
N PRO A 307 -11.93 -15.67 -10.23
CA PRO A 307 -13.11 -16.17 -9.49
C PRO A 307 -12.80 -17.28 -8.53
N LYS A 308 -11.62 -17.91 -8.64
N LYS A 308 -11.64 -17.93 -8.68
CA LYS A 308 -11.30 -19.02 -7.74
CA LYS A 308 -11.24 -19.02 -7.80
C LYS A 308 -10.67 -18.55 -6.43
C LYS A 308 -10.72 -18.49 -6.46
N GLU A 309 -9.73 -17.60 -6.51
CA GLU A 309 -8.98 -17.18 -5.33
CA GLU A 309 -9.11 -17.09 -5.29
C GLU A 309 -8.28 -15.85 -5.62
N MET A 310 -7.69 -15.26 -4.58
CA MET A 310 -6.77 -14.15 -4.74
C MET A 310 -5.40 -14.64 -4.32
N SER A 311 -4.41 -14.36 -5.14
CA SER A 311 -3.04 -14.76 -4.87
C SER A 311 -2.21 -13.51 -4.62
N VAL A 312 -1.22 -13.65 -3.74
CA VAL A 312 -0.24 -12.62 -3.49
C VAL A 312 1.13 -13.23 -3.66
N THR A 313 1.95 -12.62 -4.51
CA THR A 313 3.31 -13.09 -4.77
C THR A 313 4.26 -11.95 -4.41
N TYR A 314 5.22 -12.23 -3.52
CA TYR A 314 6.23 -11.25 -3.14
C TYR A 314 7.44 -11.39 -4.06
N ILE A 315 7.80 -10.31 -4.73
CA ILE A 315 8.85 -10.34 -5.75
C ILE A 315 9.96 -9.38 -5.33
N GLU A 316 11.18 -9.88 -5.26
CA GLU A 316 12.32 -9.06 -4.93
C GLU A 316 12.72 -8.22 -6.13
N ALA A 317 13.29 -7.05 -5.87
CA ALA A 317 13.73 -6.17 -6.95
C ALA A 317 14.74 -6.87 -7.85
N SER A 318 15.46 -7.85 -7.31
CA SER A 318 16.29 -8.74 -8.11
C SER A 318 15.49 -9.58 -9.08
N GLY A 319 14.16 -9.37 -9.14
CA GLY A 319 13.27 -10.19 -9.93
C GLY A 319 12.92 -11.53 -9.33
N LYS A 320 13.59 -11.93 -8.24
CA LYS A 320 13.32 -13.21 -7.62
C LYS A 320 11.94 -13.23 -6.97
N SER A 321 11.26 -14.38 -7.04
CA SER A 321 10.00 -14.60 -6.33
C SER A 321 10.26 -15.23 -4.97
N LEU A 322 9.77 -14.61 -3.91
CA LEU A 322 10.12 -15.01 -2.55
C LEU A 322 9.03 -15.77 -1.84
N PHE A 323 7.77 -15.49 -2.16
CA PHE A 323 6.70 -16.06 -1.36
C PHE A 323 5.39 -15.87 -2.11
N LYS A 324 4.53 -16.89 -2.03
CA LYS A 324 3.21 -16.86 -2.63
C LYS A 324 2.23 -17.54 -1.69
N THR A 325 1.06 -16.92 -1.54
CA THR A 325 0.00 -17.43 -0.70
C THR A 325 -1.31 -16.94 -1.28
N LYS A 326 -2.41 -17.55 -0.84
CA LYS A 326 -3.71 -17.41 -1.47
CA LYS A 326 -3.66 -17.21 -1.47
C LYS A 326 -4.76 -17.04 -0.43
N LEU A 327 -5.72 -16.20 -0.81
CA LEU A 327 -6.82 -15.78 0.03
C LEU A 327 -8.15 -16.06 -0.66
N PRO A 328 -9.13 -16.54 0.08
CA PRO A 328 -10.35 -17.04 -0.54
C PRO A 328 -11.32 -15.94 -0.91
N ARG A 329 -12.21 -16.29 -1.83
CA ARG A 329 -13.34 -15.43 -2.18
C ARG A 329 -14.22 -15.22 -0.96
N ARG A 330 -14.81 -14.05 -0.80
CA ARG A 330 -15.60 -13.73 0.38
CA ARG A 330 -15.60 -13.79 0.39
C ARG A 330 -17.09 -13.91 0.10
N ALA A 331 -17.83 -14.27 1.14
CA ALA A 331 -19.30 -14.47 1.10
C ALA A 331 -19.82 -14.95 -0.26
#